data_3E94
#
_entry.id   3E94
#
_cell.length_a   64.028
_cell.length_b   64.028
_cell.length_c   111.882
_cell.angle_alpha   90.00
_cell.angle_beta   90.00
_cell.angle_gamma   90.00
#
_symmetry.space_group_name_H-M   'P 43 21 2'
#
loop_
_entity.id
_entity.type
_entity.pdbx_description
1 polymer 'Retinoic acid receptor RXR-alpha'
2 polymer 'Nuclear receptor coactivator 2 peptide'
3 non-polymer tributylstannanyl
4 non-polymer 'ACETATE ION'
5 water water
#
loop_
_entity_poly.entity_id
_entity_poly.type
_entity_poly.pdbx_seq_one_letter_code
_entity_poly.pdbx_strand_id
1 'polypeptide(L)'
;GSHMTSSANEDMPVERILEAELAVEPKTETYVEANMGLNPSSPNDPVTNICQAADKQLFTLVEWAKRIPHFSELPLDDQV
ILLRAGWNELLIASFSHRSIAVKDGILLATGLHVHRNSAHSAGVGAIFDRVLTELVSKMRDMQMDKTELGCLRAIVLFNP
DSKGLSNPAEVEALREKVYASLEAYCKHKYPEQPGRFAKLLLRLPALRSIGLKCLEHLFFFKLIGDTPIDTFLMEMLEAP
HQMT
;
A
2 'polypeptide(L)' KHKILHRLLQDSS B
#
loop_
_chem_comp.id
_chem_comp.type
_chem_comp.name
_chem_comp.formula
ACT non-polymer 'ACETATE ION' 'C2 H3 O2 -1'
TBY non-polymer tributylstannanyl 'C12 H27 Sn'
#
# COMPACT_ATOMS: atom_id res chain seq x y z
N ASP A 11 12.88 -19.31 -0.70
CA ASP A 11 12.69 -18.60 -2.00
C ASP A 11 11.57 -17.56 -1.86
N MET A 12 11.46 -16.70 -2.87
CA MET A 12 10.44 -15.65 -2.90
C MET A 12 9.97 -15.55 -4.36
N PRO A 13 9.10 -16.49 -4.80
CA PRO A 13 8.72 -16.51 -6.22
C PRO A 13 7.75 -15.40 -6.58
N VAL A 14 8.07 -14.63 -7.62
CA VAL A 14 7.21 -13.54 -8.08
C VAL A 14 5.83 -14.05 -8.45
N GLU A 15 5.72 -15.33 -8.84
CA GLU A 15 4.42 -15.90 -9.18
C GLU A 15 3.47 -15.95 -7.97
N ARG A 16 4.01 -16.21 -6.78
CA ARG A 16 3.23 -16.18 -5.54
C ARG A 16 2.76 -14.75 -5.20
N ILE A 17 3.62 -13.80 -5.48
CA ILE A 17 3.33 -12.39 -5.24
C ILE A 17 2.21 -11.92 -6.16
N LEU A 18 2.32 -12.25 -7.45
CA LEU A 18 1.26 -11.96 -8.41
C LEU A 18 -0.06 -12.57 -7.96
N GLU A 19 -0.02 -13.85 -7.56
CA GLU A 19 -1.20 -14.54 -7.05
C GLU A 19 -1.85 -13.79 -5.90
N ALA A 20 -1.03 -13.28 -4.98
CA ALA A 20 -1.55 -12.48 -3.87
C ALA A 20 -2.34 -11.26 -4.35
N GLU A 21 -1.76 -10.50 -5.28
CA GLU A 21 -2.46 -9.37 -5.88
C GLU A 21 -3.79 -9.78 -6.52
N LEU A 22 -3.74 -10.83 -7.34
CA LEU A 22 -4.94 -11.26 -8.08
C LEU A 22 -6.04 -11.75 -7.16
N ALA A 23 -5.65 -12.43 -6.09
CA ALA A 23 -6.62 -12.95 -5.11
C ALA A 23 -7.44 -11.84 -4.45
N VAL A 24 -6.86 -10.66 -4.28
CA VAL A 24 -7.53 -9.62 -3.49
C VAL A 24 -8.22 -8.51 -4.29
N GLU A 25 -8.11 -8.54 -5.62
CA GLU A 25 -8.79 -7.53 -6.47
C GLU A 25 -10.31 -7.47 -6.26
N ASP A 45 -19.30 13.24 1.21
CA ASP A 45 -18.35 13.80 0.26
C ASP A 45 -17.21 12.80 -0.02
N PRO A 46 -16.25 13.16 -0.91
CA PRO A 46 -15.21 12.21 -1.26
C PRO A 46 -14.34 11.78 -0.08
N VAL A 47 -14.15 12.65 0.90
CA VAL A 47 -13.37 12.27 2.08
C VAL A 47 -14.04 11.10 2.82
N THR A 48 -15.34 11.20 3.07
CA THR A 48 -16.07 10.10 3.70
C THR A 48 -15.94 8.80 2.89
N ASN A 49 -16.13 8.90 1.58
CA ASN A 49 -16.06 7.75 0.68
C ASN A 49 -14.68 7.09 0.64
N ILE A 50 -13.65 7.92 0.59
CA ILE A 50 -12.27 7.42 0.64
C ILE A 50 -12.00 6.72 1.98
N CYS A 51 -12.43 7.32 3.08
CA CYS A 51 -12.20 6.75 4.41
C CYS A 51 -12.93 5.44 4.60
N GLN A 52 -14.17 5.39 4.11
CA GLN A 52 -14.99 4.16 4.15
C GLN A 52 -14.35 3.05 3.33
N ALA A 53 -13.96 3.38 2.10
CA ALA A 53 -13.21 2.45 1.25
C ALA A 53 -11.90 1.95 1.91
N ALA A 54 -11.18 2.85 2.58
CA ALA A 54 -9.94 2.49 3.28
C ALA A 54 -10.19 1.46 4.40
N ASP A 55 -11.25 1.68 5.18
CA ASP A 55 -11.59 0.76 6.25
C ASP A 55 -11.87 -0.64 5.70
N LYS A 56 -12.63 -0.68 4.62
CA LYS A 56 -12.98 -1.93 3.92
C LYS A 56 -11.73 -2.66 3.45
N GLN A 57 -10.82 -1.93 2.81
CA GLN A 57 -9.60 -2.51 2.26
C GLN A 57 -8.56 -2.95 3.30
N LEU A 58 -8.67 -2.45 4.53
CA LEU A 58 -7.80 -2.92 5.61
C LEU A 58 -8.04 -4.41 5.91
N PHE A 59 -9.30 -4.84 5.83
CA PHE A 59 -9.62 -6.27 5.99
C PHE A 59 -8.96 -7.09 4.89
N THR A 60 -9.09 -6.60 3.67
CA THR A 60 -8.53 -7.25 2.50
C THR A 60 -7.00 -7.27 2.57
N LEU A 61 -6.42 -6.20 3.11
CA LEU A 61 -4.96 -6.10 3.26
C LEU A 61 -4.37 -7.22 4.09
N VAL A 62 -5.03 -7.56 5.20
CA VAL A 62 -4.63 -8.65 6.07
C VAL A 62 -4.62 -9.96 5.29
N GLU A 63 -5.63 -10.17 4.47
CA GLU A 63 -5.70 -11.37 3.63
C GLU A 63 -4.60 -11.40 2.57
N TRP A 64 -4.30 -10.22 2.00
CA TRP A 64 -3.20 -10.09 1.04
C TRP A 64 -1.87 -10.47 1.69
N ALA A 65 -1.61 -9.92 2.88
CA ALA A 65 -0.33 -10.11 3.56
C ALA A 65 -0.10 -11.58 3.88
N LYS A 66 -1.15 -12.26 4.30
CA LYS A 66 -1.09 -13.71 4.60
C LYS A 66 -0.66 -14.54 3.39
N ARG A 67 -0.89 -14.00 2.19
CA ARG A 67 -0.55 -14.69 0.94
C ARG A 67 0.85 -14.39 0.42
N ILE A 68 1.55 -13.44 1.05
CA ILE A 68 2.92 -13.14 0.69
C ILE A 68 3.82 -14.17 1.36
N PRO A 69 4.66 -14.87 0.56
CA PRO A 69 5.56 -15.89 1.12
C PRO A 69 6.27 -15.45 2.40
N HIS A 70 6.19 -16.32 3.42
CA HIS A 70 6.92 -16.18 4.70
C HIS A 70 6.36 -15.17 5.71
N PHE A 71 5.43 -14.31 5.28
CA PHE A 71 4.85 -13.33 6.21
C PHE A 71 4.16 -13.99 7.41
N SER A 72 3.32 -14.99 7.14
CA SER A 72 2.55 -15.66 8.20
C SER A 72 3.41 -16.48 9.16
N GLU A 73 4.64 -16.76 8.75
CA GLU A 73 5.62 -17.49 9.57
C GLU A 73 6.30 -16.59 10.58
N LEU A 74 6.25 -15.28 10.38
CA LEU A 74 6.81 -14.34 11.34
C LEU A 74 6.01 -14.41 12.65
N PRO A 75 6.63 -14.02 13.78
CA PRO A 75 5.87 -13.90 15.02
C PRO A 75 4.67 -12.98 14.87
N LEU A 76 3.58 -13.34 15.53
CA LEU A 76 2.34 -12.58 15.46
C LEU A 76 2.58 -11.11 15.76
N ASP A 77 3.41 -10.84 16.78
CA ASP A 77 3.70 -9.46 17.18
C ASP A 77 4.36 -8.68 16.05
N ASP A 78 5.18 -9.36 15.26
CA ASP A 78 5.91 -8.71 14.17
C ASP A 78 5.01 -8.48 12.96
N GLN A 79 4.10 -9.44 12.70
CA GLN A 79 3.07 -9.28 11.66
C GLN A 79 2.25 -8.02 11.95
N VAL A 80 1.84 -7.86 13.22
CA VAL A 80 1.13 -6.65 13.65
C VAL A 80 1.94 -5.39 13.38
N ILE A 81 3.20 -5.39 13.80
CA ILE A 81 4.10 -4.23 13.62
C ILE A 81 4.25 -3.85 12.14
N LEU A 82 4.50 -4.85 11.28
CA LEU A 82 4.70 -4.58 9.86
C LEU A 82 3.43 -4.01 9.22
N LEU A 83 2.27 -4.53 9.61
CA LEU A 83 1.04 -4.04 9.03
C LEU A 83 0.66 -2.65 9.57
N ARG A 84 0.83 -2.41 10.86
CA ARG A 84 0.62 -1.05 11.40
C ARG A 84 1.57 0.01 10.81
N ALA A 85 2.79 -0.42 10.47
CA ALA A 85 3.80 0.46 9.86
C ALA A 85 3.52 0.75 8.40
N GLY A 86 3.00 -0.24 7.67
CA GLY A 86 2.90 -0.16 6.21
C GLY A 86 1.52 0.07 5.61
N TRP A 87 0.46 -0.09 6.39
CA TRP A 87 -0.90 -0.16 5.83
C TRP A 87 -1.23 1.01 4.89
N ASN A 88 -0.92 2.24 5.28
CA ASN A 88 -1.32 3.39 4.48
C ASN A 88 -0.60 3.49 3.14
N GLU A 89 0.71 3.22 3.14
CA GLU A 89 1.48 3.10 1.88
C GLU A 89 0.98 1.93 1.01
N LEU A 90 0.69 0.80 1.67
CA LEU A 90 0.18 -0.37 0.96
C LEU A 90 -1.16 -0.07 0.28
N LEU A 91 -2.08 0.57 1.01
CA LEU A 91 -3.37 0.91 0.39
C LEU A 91 -3.23 1.96 -0.70
N ILE A 92 -2.37 2.94 -0.47
CA ILE A 92 -2.14 3.99 -1.46
C ILE A 92 -1.57 3.42 -2.76
N ALA A 93 -0.58 2.55 -2.65
CA ALA A 93 -0.02 1.90 -3.85
C ALA A 93 -1.10 1.13 -4.64
N SER A 94 -1.97 0.43 -3.92
CA SER A 94 -3.04 -0.36 -4.54
C SER A 94 -4.05 0.48 -5.29
N PHE A 95 -4.58 1.53 -4.67
CA PHE A 95 -5.55 2.33 -5.41
C PHE A 95 -4.93 3.19 -6.50
N SER A 96 -3.64 3.47 -6.37
CA SER A 96 -2.91 4.21 -7.40
C SER A 96 -2.75 3.35 -8.65
N HIS A 97 -2.29 2.12 -8.46
CA HIS A 97 -2.17 1.19 -9.61
C HIS A 97 -3.53 0.83 -10.23
N ARG A 98 -4.53 0.67 -9.39
CA ARG A 98 -5.90 0.44 -9.85
C ARG A 98 -6.43 1.56 -10.76
N SER A 99 -5.82 2.73 -10.65
CA SER A 99 -6.34 3.94 -11.31
C SER A 99 -5.59 4.37 -12.56
N ILE A 100 -4.67 3.55 -13.06
CA ILE A 100 -3.84 3.95 -14.20
C ILE A 100 -4.58 4.25 -15.52
N ALA A 101 -5.78 3.69 -15.67
CA ALA A 101 -6.60 3.93 -16.88
C ALA A 101 -7.69 4.97 -16.60
N VAL A 102 -7.59 5.60 -15.44
CA VAL A 102 -8.51 6.68 -15.04
C VAL A 102 -7.83 8.02 -15.31
N LYS A 103 -8.55 8.90 -16.00
CA LYS A 103 -8.11 10.26 -16.30
C LYS A 103 -8.35 11.16 -15.11
N ASP A 104 -7.27 11.71 -14.57
CA ASP A 104 -7.33 12.71 -13.48
C ASP A 104 -8.19 12.26 -12.31
N GLY A 105 -8.13 10.98 -11.94
CA GLY A 105 -8.94 10.49 -10.84
C GLY A 105 -8.46 9.18 -10.24
N ILE A 106 -9.17 8.72 -9.22
CA ILE A 106 -8.86 7.43 -8.60
C ILE A 106 -10.10 6.55 -8.53
N LEU A 107 -9.87 5.26 -8.72
CA LEU A 107 -10.92 4.24 -8.60
C LEU A 107 -10.84 3.55 -7.25
N LEU A 108 -11.86 3.76 -6.42
CA LEU A 108 -11.92 3.11 -5.11
C LEU A 108 -12.38 1.65 -5.24
N ALA A 109 -12.10 0.84 -4.22
CA ALA A 109 -12.45 -0.58 -4.23
C ALA A 109 -13.95 -0.82 -4.13
N THR A 110 -14.68 0.23 -3.75
CA THR A 110 -16.12 0.21 -3.68
C THR A 110 -16.77 0.40 -5.06
N GLY A 111 -15.94 0.61 -6.09
CA GLY A 111 -16.43 0.87 -7.45
C GLY A 111 -16.55 2.33 -7.85
N LEU A 112 -16.47 3.21 -6.86
CA LEU A 112 -16.61 4.65 -7.05
C LEU A 112 -15.34 5.33 -7.61
N HIS A 113 -15.51 6.06 -8.72
CA HIS A 113 -14.44 6.89 -9.28
C HIS A 113 -14.51 8.26 -8.63
N VAL A 114 -13.37 8.74 -8.13
CA VAL A 114 -13.27 10.07 -7.54
C VAL A 114 -12.37 10.93 -8.41
N HIS A 115 -12.92 12.02 -8.94
CA HIS A 115 -12.17 12.91 -9.82
C HIS A 115 -11.44 14.01 -9.01
N ARG A 116 -10.37 14.55 -9.59
CA ARG A 116 -9.61 15.73 -9.07
C ARG A 116 -10.52 16.83 -8.53
N ASN A 117 -11.51 17.19 -9.34
CA ASN A 117 -12.37 18.32 -9.03
C ASN A 117 -13.11 18.11 -7.73
N SER A 118 -13.57 16.88 -7.53
CA SER A 118 -14.28 16.51 -6.31
C SER A 118 -13.34 16.61 -5.10
N ALA A 119 -12.12 16.11 -5.22
CA ALA A 119 -11.16 16.19 -4.10
C ALA A 119 -10.78 17.64 -3.77
N HIS A 120 -10.53 18.43 -4.81
CA HIS A 120 -10.27 19.87 -4.65
C HIS A 120 -11.43 20.59 -3.96
N SER A 121 -12.67 20.31 -4.39
CA SER A 121 -13.85 20.94 -3.80
C SER A 121 -14.14 20.49 -2.35
N ALA A 122 -13.45 19.45 -1.88
CA ALA A 122 -13.57 18.96 -0.51
C ALA A 122 -12.39 19.38 0.36
N GLY A 123 -11.46 20.12 -0.23
CA GLY A 123 -10.37 20.70 0.54
C GLY A 123 -9.13 19.82 0.66
N VAL A 124 -9.09 18.74 -0.12
CA VAL A 124 -7.94 17.80 -0.13
C VAL A 124 -7.28 17.69 -1.51
N GLY A 125 -7.30 18.79 -2.26
CA GLY A 125 -6.83 18.81 -3.65
C GLY A 125 -5.32 18.55 -3.73
N ALA A 126 -4.58 19.14 -2.79
CA ALA A 126 -3.12 19.05 -2.80
C ALA A 126 -2.63 17.61 -2.67
N ILE A 127 -3.12 16.90 -1.65
CA ILE A 127 -2.70 15.51 -1.46
C ILE A 127 -3.20 14.64 -2.64
N PHE A 128 -4.40 14.95 -3.13
CA PHE A 128 -4.97 14.17 -4.23
C PHE A 128 -4.09 14.31 -5.46
N ASP A 129 -3.69 15.55 -5.76
CA ASP A 129 -2.81 15.81 -6.91
C ASP A 129 -1.44 15.16 -6.82
N ARG A 130 -0.91 15.04 -5.61
CA ARG A 130 0.37 14.34 -5.41
C ARG A 130 0.22 12.87 -5.78
N VAL A 131 -0.89 12.25 -5.34
CA VAL A 131 -1.18 10.86 -5.72
C VAL A 131 -1.17 10.74 -7.26
N LEU A 132 -1.91 11.62 -7.92
CA LEU A 132 -2.01 11.58 -9.37
C LEU A 132 -0.70 11.81 -10.10
N THR A 133 0.09 12.79 -9.67
CA THR A 133 1.27 13.18 -10.42
C THR A 133 2.48 12.31 -10.08
N GLU A 134 2.65 11.96 -8.81
CA GLU A 134 3.83 11.22 -8.37
C GLU A 134 3.64 9.71 -8.45
N LEU A 135 2.39 9.24 -8.37
CA LEU A 135 2.17 7.80 -8.40
C LEU A 135 1.43 7.30 -9.64
N VAL A 136 0.16 7.69 -9.76
CA VAL A 136 -0.72 7.18 -10.83
C VAL A 136 -0.14 7.44 -12.22
N SER A 137 0.24 8.69 -12.51
CA SER A 137 0.71 9.02 -13.85
C SER A 137 2.05 8.36 -14.17
N LYS A 138 2.91 8.21 -13.17
CA LYS A 138 4.19 7.53 -13.34
C LYS A 138 4.00 6.01 -13.54
N MET A 139 3.08 5.40 -12.80
CA MET A 139 2.72 3.99 -13.02
C MET A 139 2.19 3.77 -14.45
N ARG A 140 1.38 4.71 -14.90
CA ARG A 140 0.81 4.67 -16.25
C ARG A 140 1.89 4.79 -17.30
N ASP A 141 2.74 5.81 -17.16
CA ASP A 141 3.80 6.11 -18.12
C ASP A 141 4.76 4.95 -18.37
N MET A 142 5.03 4.16 -17.33
CA MET A 142 5.96 3.03 -17.43
C MET A 142 5.26 1.68 -17.62
N GLN A 143 3.92 1.72 -17.62
CA GLN A 143 3.09 0.52 -17.60
C GLN A 143 3.53 -0.48 -16.53
N MET A 144 3.67 0.03 -15.30
CA MET A 144 3.96 -0.83 -14.16
C MET A 144 2.95 -1.98 -14.17
N ASP A 145 3.45 -3.21 -14.07
CA ASP A 145 2.56 -4.37 -14.12
C ASP A 145 2.22 -4.87 -12.71
N LYS A 146 1.29 -5.84 -12.63
CA LYS A 146 0.79 -6.28 -11.32
C LYS A 146 1.82 -7.07 -10.52
N THR A 147 2.74 -7.74 -11.22
CA THR A 147 3.87 -8.42 -10.57
C THR A 147 4.77 -7.39 -9.89
N GLU A 148 5.08 -6.32 -10.63
CA GLU A 148 5.96 -5.25 -10.14
C GLU A 148 5.30 -4.55 -8.94
N LEU A 149 4.02 -4.26 -9.08
CA LEU A 149 3.25 -3.62 -7.99
C LEU A 149 3.28 -4.52 -6.76
N GLY A 150 3.03 -5.81 -6.98
CA GLY A 150 3.04 -6.80 -5.91
C GLY A 150 4.35 -6.80 -5.16
N CYS A 151 5.46 -6.85 -5.92
CA CYS A 151 6.79 -6.80 -5.34
C CYS A 151 7.06 -5.51 -4.57
N LEU A 152 6.69 -4.36 -5.13
CA LEU A 152 6.90 -3.09 -4.40
C LEU A 152 6.12 -3.16 -3.09
N ARG A 153 4.91 -3.67 -3.15
CA ARG A 153 4.08 -3.76 -1.92
C ARG A 153 4.71 -4.69 -0.87
N ALA A 154 5.23 -5.83 -1.33
CA ALA A 154 5.95 -6.77 -0.44
C ALA A 154 7.20 -6.14 0.18
N ILE A 155 7.92 -5.34 -0.59
CA ILE A 155 9.08 -4.61 -0.08
C ILE A 155 8.63 -3.64 1.02
N VAL A 156 7.53 -2.93 0.77
CA VAL A 156 6.93 -2.02 1.76
C VAL A 156 6.51 -2.80 3.01
N LEU A 157 5.89 -3.95 2.79
CA LEU A 157 5.46 -4.80 3.89
C LEU A 157 6.62 -5.23 4.78
N PHE A 158 7.63 -5.84 4.17
CA PHE A 158 8.82 -6.25 4.89
C PHE A 158 9.74 -5.05 5.15
N ASN A 159 9.27 -4.12 5.98
CA ASN A 159 10.04 -2.93 6.34
C ASN A 159 10.88 -3.19 7.60
N PRO A 160 12.21 -3.37 7.44
CA PRO A 160 13.03 -3.76 8.58
C PRO A 160 13.31 -2.61 9.53
N ASP A 161 12.92 -1.40 9.14
CA ASP A 161 13.06 -0.22 9.99
C ASP A 161 11.88 -0.04 10.95
N SER A 162 10.85 -0.89 10.81
CA SER A 162 9.69 -0.84 11.71
C SER A 162 10.10 -1.03 13.17
N LYS A 163 9.73 -0.07 14.02
CA LYS A 163 10.11 -0.10 15.43
C LYS A 163 9.48 -1.28 16.18
N GLY A 164 10.27 -1.96 16.99
CA GLY A 164 9.76 -3.02 17.87
C GLY A 164 9.88 -4.45 17.35
N LEU A 165 10.29 -4.62 16.09
CA LEU A 165 10.48 -5.94 15.52
C LEU A 165 11.40 -6.80 16.40
N SER A 166 10.94 -8.01 16.71
CA SER A 166 11.76 -8.94 17.50
C SER A 166 13.02 -9.36 16.74
N ASN A 167 12.93 -9.51 15.42
CA ASN A 167 14.13 -9.76 14.61
C ASN A 167 14.14 -8.96 13.30
N PRO A 168 14.73 -7.75 13.34
CA PRO A 168 14.80 -6.92 12.14
C PRO A 168 15.56 -7.59 10.99
N ALA A 169 16.63 -8.32 11.30
CA ALA A 169 17.47 -8.97 10.29
C ALA A 169 16.69 -9.96 9.43
N GLU A 170 15.73 -10.61 10.07
CA GLU A 170 14.86 -11.60 9.45
C GLU A 170 13.94 -10.93 8.42
N VAL A 171 13.37 -9.79 8.81
CA VAL A 171 12.53 -9.02 7.91
C VAL A 171 13.39 -8.42 6.77
N GLU A 172 14.60 -7.99 7.12
CA GLU A 172 15.54 -7.46 6.13
C GLU A 172 15.87 -8.54 5.09
N ALA A 173 16.04 -9.78 5.56
CA ALA A 173 16.33 -10.92 4.68
C ALA A 173 15.19 -11.12 3.67
N LEU A 174 13.95 -11.05 4.15
CA LEU A 174 12.77 -11.21 3.28
C LEU A 174 12.64 -10.09 2.26
N ARG A 175 12.88 -8.86 2.69
CA ARG A 175 12.90 -7.72 1.76
C ARG A 175 13.93 -7.98 0.66
N GLU A 176 15.16 -8.38 1.05
CA GLU A 176 16.25 -8.64 0.09
C GLU A 176 15.82 -9.69 -0.94
N LYS A 177 15.15 -10.73 -0.47
CA LYS A 177 14.65 -11.77 -1.36
C LYS A 177 13.61 -11.24 -2.34
N VAL A 178 12.72 -10.35 -1.88
CA VAL A 178 11.75 -9.73 -2.77
C VAL A 178 12.45 -8.91 -3.86
N TYR A 179 13.37 -8.02 -3.47
CA TYR A 179 13.99 -7.18 -4.50
C TYR A 179 14.93 -7.93 -5.44
N ALA A 180 15.54 -9.02 -4.97
CA ALA A 180 16.27 -9.91 -5.87
C ALA A 180 15.34 -10.50 -6.94
N SER A 181 14.19 -11.03 -6.52
CA SER A 181 13.25 -11.65 -7.43
C SER A 181 12.66 -10.63 -8.40
N LEU A 182 12.38 -9.43 -7.90
CA LEU A 182 11.88 -8.34 -8.74
C LEU A 182 12.89 -7.95 -9.82
N GLU A 183 14.16 -7.80 -9.44
CA GLU A 183 15.19 -7.42 -10.42
C GLU A 183 15.33 -8.49 -11.50
N ALA A 184 15.39 -9.75 -11.09
CA ALA A 184 15.36 -10.88 -12.02
C ALA A 184 14.14 -10.79 -12.95
N TYR A 185 12.96 -10.50 -12.40
CA TYR A 185 11.74 -10.41 -13.20
C TYR A 185 11.79 -9.30 -14.24
N CYS A 186 12.23 -8.11 -13.84
CA CYS A 186 12.29 -6.98 -14.76
C CYS A 186 13.30 -7.23 -15.90
N LYS A 187 14.46 -7.76 -15.55
CA LYS A 187 15.51 -8.04 -16.52
C LYS A 187 15.11 -9.12 -17.52
N HIS A 188 14.33 -10.11 -17.07
CA HIS A 188 13.80 -11.13 -17.95
C HIS A 188 12.64 -10.61 -18.81
N LYS A 189 11.73 -9.87 -18.20
CA LYS A 189 10.48 -9.47 -18.86
C LYS A 189 10.62 -8.19 -19.69
N TYR A 190 11.50 -7.28 -19.25
CA TYR A 190 11.72 -6.01 -19.95
C TYR A 190 13.23 -5.79 -20.12
N PRO A 191 13.90 -6.69 -20.88
CA PRO A 191 15.35 -6.60 -21.02
C PRO A 191 15.82 -5.32 -21.73
N GLU A 192 14.96 -4.74 -22.56
CA GLU A 192 15.27 -3.49 -23.28
C GLU A 192 15.17 -2.23 -22.39
N GLN A 193 14.82 -2.42 -21.12
CA GLN A 193 14.67 -1.30 -20.17
C GLN A 193 15.56 -1.52 -18.96
N PRO A 194 16.87 -1.32 -19.11
CA PRO A 194 17.81 -1.61 -18.02
C PRO A 194 17.59 -0.76 -16.75
N GLY A 195 16.97 0.41 -16.89
CA GLY A 195 16.72 1.27 -15.72
C GLY A 195 15.42 0.98 -14.97
N ARG A 196 14.63 0.03 -15.47
CA ARG A 196 13.25 -0.17 -15.00
C ARG A 196 13.15 -0.55 -13.52
N PHE A 197 14.05 -1.42 -13.08
CA PHE A 197 14.14 -1.84 -11.68
C PHE A 197 14.40 -0.66 -10.71
N ALA A 198 15.40 0.16 -11.01
CA ALA A 198 15.70 1.35 -10.23
C ALA A 198 14.52 2.31 -10.27
N LYS A 199 13.92 2.44 -11.45
CA LYS A 199 12.74 3.29 -11.64
C LYS A 199 11.58 2.88 -10.72
N LEU A 200 11.33 1.58 -10.59
CA LEU A 200 10.32 1.09 -9.65
C LEU A 200 10.65 1.46 -8.19
N LEU A 201 11.86 1.16 -7.76
CA LEU A 201 12.28 1.42 -6.39
C LEU A 201 12.24 2.90 -6.06
N LEU A 202 12.46 3.74 -7.05
CA LEU A 202 12.49 5.18 -6.83
C LEU A 202 11.12 5.85 -6.79
N ARG A 203 10.04 5.06 -6.86
CA ARG A 203 8.74 5.61 -6.48
C ARG A 203 8.46 5.43 -5.00
N LEU A 204 9.31 4.68 -4.30
CA LEU A 204 9.10 4.45 -2.86
C LEU A 204 9.27 5.70 -1.94
N PRO A 205 10.21 6.60 -2.24
CA PRO A 205 10.27 7.83 -1.43
C PRO A 205 8.99 8.65 -1.57
N ALA A 206 8.49 8.77 -2.79
CA ALA A 206 7.23 9.48 -3.02
C ALA A 206 6.08 8.81 -2.28
N LEU A 207 6.03 7.49 -2.35
CA LEU A 207 5.02 6.71 -1.63
C LEU A 207 5.08 6.96 -0.11
N ARG A 208 6.28 6.94 0.45
CA ARG A 208 6.51 7.26 1.88
C ARG A 208 5.99 8.65 2.25
N SER A 209 6.35 9.66 1.46
CA SER A 209 5.95 11.03 1.79
C SER A 209 4.43 11.24 1.72
N ILE A 210 3.80 10.68 0.67
CA ILE A 210 2.36 10.76 0.49
C ILE A 210 1.65 9.99 1.61
N GLY A 211 2.20 8.82 1.96
CA GLY A 211 1.72 8.05 3.11
C GLY A 211 1.72 8.88 4.38
N LEU A 212 2.81 9.61 4.64
CA LEU A 212 2.90 10.43 5.84
C LEU A 212 1.85 11.57 5.83
N LYS A 213 1.72 12.24 4.68
CA LYS A 213 0.74 13.33 4.50
C LYS A 213 -0.71 12.83 4.66
N CYS A 214 -0.97 11.62 4.18
CA CYS A 214 -2.26 10.97 4.34
C CYS A 214 -2.60 10.79 5.81
N LEU A 215 -1.64 10.28 6.59
CA LEU A 215 -1.85 10.13 8.03
C LEU A 215 -2.16 11.46 8.72
N GLU A 216 -1.42 12.51 8.37
CA GLU A 216 -1.68 13.83 8.93
C GLU A 216 -3.14 14.26 8.71
N HIS A 217 -3.63 14.09 7.49
CA HIS A 217 -5.04 14.36 7.18
C HIS A 217 -5.97 13.50 8.03
N LEU A 218 -5.73 12.19 8.08
CA LEU A 218 -6.60 11.30 8.86
C LEU A 218 -6.66 11.69 10.33
N PHE A 219 -5.52 12.00 10.94
CA PHE A 219 -5.49 12.46 12.32
C PHE A 219 -6.31 13.73 12.49
N PHE A 220 -6.25 14.62 11.50
CA PHE A 220 -7.07 15.84 11.56
C PHE A 220 -8.58 15.59 11.46
N PHE A 221 -8.97 14.69 10.56
CA PHE A 221 -10.39 14.33 10.39
C PHE A 221 -10.92 13.77 11.70
N LYS A 222 -10.10 12.91 12.32
CA LYS A 222 -10.41 12.33 13.62
C LYS A 222 -10.54 13.40 14.70
N LEU A 223 -9.61 14.36 14.69
CA LEU A 223 -9.62 15.47 15.65
C LEU A 223 -10.85 16.36 15.49
N ILE A 224 -11.11 16.84 14.28
CA ILE A 224 -12.29 17.67 14.04
C ILE A 224 -13.58 16.91 14.35
N GLY A 225 -13.68 15.69 13.84
CA GLY A 225 -14.78 14.80 14.19
C GLY A 225 -16.02 14.90 13.31
N ASP A 226 -15.86 15.47 12.11
CA ASP A 226 -16.99 15.60 11.19
C ASP A 226 -17.16 14.35 10.33
N THR A 227 -16.04 13.85 9.79
CA THR A 227 -16.00 12.65 8.95
C THR A 227 -16.11 11.39 9.81
N PRO A 228 -17.00 10.45 9.43
CA PRO A 228 -17.01 9.17 10.13
C PRO A 228 -15.75 8.36 9.82
N ILE A 229 -15.13 7.83 10.86
CA ILE A 229 -13.98 6.94 10.74
C ILE A 229 -14.42 5.60 11.31
N ASP A 230 -14.43 4.56 10.48
CA ASP A 230 -14.89 3.23 10.90
C ASP A 230 -13.83 2.53 11.75
N THR A 231 -14.20 1.40 12.37
CA THR A 231 -13.41 0.80 13.46
C THR A 231 -11.96 0.37 13.15
N PHE A 232 -11.72 -0.21 11.98
CA PHE A 232 -10.38 -0.70 11.65
C PHE A 232 -9.44 0.48 11.31
N LEU A 233 -9.93 1.42 10.51
CA LEU A 233 -9.20 2.65 10.22
C LEU A 233 -8.89 3.40 11.53
N MET A 234 -9.90 3.56 12.39
CA MET A 234 -9.73 4.10 13.75
C MET A 234 -8.63 3.37 14.56
N GLU A 235 -8.69 2.05 14.60
CA GLU A 235 -7.67 1.27 15.29
C GLU A 235 -6.25 1.55 14.77
N MET A 236 -6.12 1.69 13.45
CA MET A 236 -4.83 2.01 12.86
C MET A 236 -4.34 3.37 13.33
N LEU A 237 -5.28 4.25 13.67
CA LEU A 237 -4.96 5.60 14.17
C LEU A 237 -4.68 5.66 15.67
N GLU A 238 -4.79 4.52 16.37
CA GLU A 238 -4.47 4.42 17.79
C GLU A 238 -2.98 4.51 18.02
N ALA A 239 -2.58 4.96 19.21
CA ALA A 239 -1.19 4.86 19.65
C ALA A 239 -0.76 3.40 19.79
N PRO A 240 0.54 3.10 19.57
CA PRO A 240 1.06 1.74 19.72
C PRO A 240 1.12 1.30 21.18
N HIS B 2 -4.80 -3.18 19.85
CA HIS B 2 -4.99 -3.45 18.38
C HIS B 2 -5.78 -4.74 18.19
N LYS B 3 -6.98 -4.78 18.76
CA LYS B 3 -7.71 -6.05 18.83
C LYS B 3 -8.19 -6.57 17.47
N ILE B 4 -8.62 -5.69 16.57
CA ILE B 4 -9.10 -6.13 15.26
C ILE B 4 -7.99 -6.80 14.45
N LEU B 5 -6.85 -6.14 14.31
CA LEU B 5 -5.72 -6.71 13.56
C LEU B 5 -5.27 -8.06 14.11
N HIS B 6 -5.13 -8.16 15.43
CA HIS B 6 -4.74 -9.44 16.07
C HIS B 6 -5.71 -10.56 15.73
N ARG B 7 -7.01 -10.25 15.82
CA ARG B 7 -8.06 -11.27 15.58
C ARG B 7 -8.03 -11.78 14.16
N LEU B 8 -7.85 -10.87 13.22
CA LEU B 8 -7.79 -11.21 11.80
C LEU B 8 -6.52 -11.97 11.39
N LEU B 9 -5.41 -11.66 12.04
CA LEU B 9 -4.16 -12.34 11.73
C LEU B 9 -4.09 -13.76 12.31
N GLN B 10 -4.73 -13.92 13.47
CA GLN B 10 -4.79 -15.21 14.18
C GLN B 10 -5.30 -16.28 13.23
N ASP B 11 -6.33 -15.90 12.48
CA ASP B 11 -6.88 -16.65 11.35
C ASP B 11 -8.29 -16.10 11.13
C11 TBY C . -5.79 9.96 -0.08
C11 TBY C . -5.92 8.51 3.46
C10 TBY C . -4.65 9.92 0.94
C10 TBY C . -5.24 8.40 2.10
SN1 TBY C . -5.33 9.18 2.83
SN1 TBY C . -4.92 10.36 1.32
C2 TBY C . -6.15 10.83 3.93
C2 TBY C . -4.69 10.44 -0.80
C3 TBY C . -6.55 11.93 2.96
C3 TBY C . -5.56 11.54 -1.39
C4 TBY C . -7.89 11.56 2.33
C4 TBY C . -6.93 10.94 -1.66
C5 TBY C . -8.30 12.61 1.33
C5 TBY C . -6.93 9.55 -1.10
C6 TBY C . -6.33 7.46 2.03
C6 TBY C . -5.97 11.65 2.67
C7 TBY C . -6.30 6.31 3.02
C7 TBY C . -7.40 11.77 2.17
C8 TBY C . -5.68 5.06 2.42
C8 TBY C . -8.29 10.77 2.88
C9 TBY C . -4.58 4.59 3.35
C9 TBY C . -9.74 11.15 2.75
C12 TBY C . -5.28 10.25 -1.47
C12 TBY C . -6.85 7.31 3.61
C13 TBY C . -6.38 10.11 -2.48
C13 TBY C . -6.03 6.04 3.80
C ACT D . -9.42 1.86 -1.80
O ACT D . -8.60 1.19 -2.48
OXT ACT D . -10.54 2.07 -2.31
CH3 ACT D . -9.07 2.38 -0.42
#